data_4PMJ
#
_entry.id   4PMJ
#
_cell.length_a   44.324
_cell.length_b   78.897
_cell.length_c   79.563
_cell.angle_alpha   90.00
_cell.angle_beta   90.00
_cell.angle_gamma   90.00
#
_symmetry.space_group_name_H-M   'P 21 21 21'
#
loop_
_entity.id
_entity.type
_entity.pdbx_description
1 polymer 'Putative oxidoreductase'
2 non-polymer 'NADP NICOTINAMIDE-ADENINE-DINUCLEOTIDE PHOSPHATE'
3 non-polymer GLYCEROL
4 water water
#
_entity_poly.entity_id   1
_entity_poly.type   'polypeptide(L)'
_entity_poly.pdbx_seq_one_letter_code
;(MSE)HDPIPTIAFPDGRKVPALGQGTWR(MSE)GENRAKTADEVRSLQTGLDLG(MSE)TLIDTAE(MSE)YGDGAAER
IVGEAIKGRRDEAFVVSKVLPSNASRAGTVAACERSLRNLGIDCVDLYLLHWRGGYPLAETVAAFEELKKAGKIRAWGVS
NFDVDD(MSE)EELSAVPDGGNVAANQVLYNLARRGIEFDLLPRCRAQGVPV(MSE)AYSPLDEGRLLHDADLIHIAKAH
QATPAQVALAFLKTCSGVISIPKTGSPERARENRDA(MSE)DIHLTTENLAELDRHFPPPRRKTRLEVI
;
_entity_poly.pdbx_strand_id   A
#
# COMPACT_ATOMS: atom_id res chain seq x y z
N HIS A 2 -23.96 -1.55 2.59
CA HIS A 2 -22.76 -2.34 2.24
C HIS A 2 -22.07 -2.88 3.48
N ASP A 3 -21.24 -3.90 3.29
CA ASP A 3 -20.47 -4.47 4.38
C ASP A 3 -19.25 -3.60 4.63
N PRO A 4 -18.78 -3.59 5.89
CA PRO A 4 -17.65 -2.79 6.32
C PRO A 4 -16.33 -3.28 5.75
N ILE A 5 -15.35 -2.41 5.76
CA ILE A 5 -14.02 -2.75 5.36
C ILE A 5 -13.35 -3.45 6.55
N PRO A 6 -12.82 -4.67 6.38
CA PRO A 6 -12.07 -5.24 7.51
C PRO A 6 -10.92 -4.33 7.92
N THR A 7 -10.46 -4.46 9.15
CA THR A 7 -9.33 -3.64 9.63
C THR A 7 -8.12 -4.50 9.96
N ILE A 8 -6.97 -3.90 9.80
CA ILE A 8 -5.68 -4.52 10.03
C ILE A 8 -4.98 -3.66 11.10
N ALA A 9 -4.36 -4.29 12.09
CA ALA A 9 -3.62 -3.60 13.15
C ALA A 9 -2.13 -3.51 12.81
N PHE A 10 -1.53 -2.35 13.01
CA PHE A 10 -0.05 -2.21 12.93
C PHE A 10 0.57 -2.69 14.24
N PRO A 11 1.90 -2.95 14.25
CA PRO A 11 2.54 -3.35 15.50
C PRO A 11 2.25 -2.42 16.68
N ASP A 12 2.22 -1.11 16.45
CA ASP A 12 1.91 -0.13 17.50
C ASP A 12 0.43 -0.11 17.87
N GLY A 13 -0.38 -1.04 17.38
CA GLY A 13 -1.79 -1.13 17.80
C GLY A 13 -2.78 -0.29 17.00
N ARG A 14 -2.31 0.71 16.26
CA ARG A 14 -3.13 1.49 15.30
CA ARG A 14 -3.12 1.49 15.32
C ARG A 14 -3.78 0.57 14.28
N LYS A 15 -5.03 0.84 13.96
CA LYS A 15 -5.84 0.05 13.05
C LYS A 15 -6.27 0.85 11.82
N VAL A 16 -6.10 0.28 10.64
CA VAL A 16 -6.64 0.91 9.44
C VAL A 16 -7.51 -0.06 8.65
N PRO A 17 -8.40 0.46 7.81
CA PRO A 17 -9.11 -0.37 6.88
C PRO A 17 -8.15 -1.10 5.95
N ALA A 18 -8.47 -2.37 5.67
CA ALA A 18 -7.68 -3.22 4.81
C ALA A 18 -7.78 -2.88 3.33
N LEU A 19 -8.54 -1.85 2.98
CA LEU A 19 -8.56 -1.39 1.64
C LEU A 19 -8.22 0.08 1.65
N GLY A 20 -7.12 0.44 1.00
CA GLY A 20 -6.76 1.82 0.85
C GLY A 20 -6.66 2.29 -0.56
N GLN A 21 -5.98 3.41 -0.77
CA GLN A 21 -5.98 4.08 -2.07
C GLN A 21 -4.61 4.42 -2.60
N GLY A 22 -4.34 4.07 -3.85
CA GLY A 22 -3.04 4.39 -4.47
C GLY A 22 -3.08 5.69 -5.25
N THR A 23 -1.90 6.21 -5.63
CA THR A 23 -1.76 7.52 -6.25
C THR A 23 -0.68 7.59 -7.29
N TRP A 24 0.02 6.51 -7.55
CA TRP A 24 1.03 6.50 -8.62
C TRP A 24 0.41 6.76 -10.00
N ARG A 25 1.07 7.66 -10.71
CA ARG A 25 0.67 8.16 -11.98
C ARG A 25 -0.38 9.28 -11.84
N GLY A 27 -1.38 13.15 -10.82
CA GLY A 27 -0.74 14.45 -10.94
C GLY A 27 0.13 14.62 -12.17
N GLU A 28 0.01 13.75 -13.17
CA GLU A 28 0.79 13.92 -14.41
C GLU A 28 0.04 14.64 -15.51
N ASN A 29 -1.27 14.74 -15.36
CA ASN A 29 -2.11 15.32 -16.39
C ASN A 29 -3.08 16.33 -15.79
N ARG A 30 -2.78 17.62 -16.01
CA ARG A 30 -3.59 18.77 -15.51
C ARG A 30 -5.09 18.60 -15.78
N ALA A 31 -5.44 17.92 -16.88
CA ALA A 31 -6.82 17.70 -17.23
C ALA A 31 -7.49 16.66 -16.34
N LYS A 32 -6.72 15.89 -15.57
CA LYS A 32 -7.30 14.84 -14.70
C LYS A 32 -7.33 15.18 -13.23
N THR A 33 -6.65 16.24 -12.86
CA THR A 33 -6.38 16.57 -11.46
C THR A 33 -7.63 16.67 -10.63
N ALA A 34 -8.62 17.39 -11.15
CA ALA A 34 -9.90 17.54 -10.46
C ALA A 34 -10.54 16.18 -10.16
N ASP A 35 -10.56 15.29 -11.14
CA ASP A 35 -11.04 13.93 -10.94
C ASP A 35 -10.18 13.08 -9.98
N GLU A 36 -8.85 13.22 -10.04
CA GLU A 36 -7.95 12.52 -9.14
C GLU A 36 -8.21 12.97 -7.68
N VAL A 37 -8.30 14.27 -7.46
CA VAL A 37 -8.63 14.77 -6.15
C VAL A 37 -9.98 14.19 -5.71
N ARG A 38 -10.97 14.26 -6.59
CA ARG A 38 -12.29 13.79 -6.23
C ARG A 38 -12.32 12.31 -5.96
N SER A 39 -11.50 11.54 -6.69
CA SER A 39 -11.44 10.10 -6.49
C SER A 39 -10.97 9.78 -5.08
N LEU A 40 -9.86 10.41 -4.68
CA LEU A 40 -9.36 10.21 -3.32
C LEU A 40 -10.35 10.69 -2.27
N GLN A 41 -11.04 11.81 -2.50
CA GLN A 41 -12.03 12.29 -1.52
C GLN A 41 -13.15 11.33 -1.35
N THR A 42 -13.57 10.73 -2.46
CA THR A 42 -14.62 9.71 -2.52
C THR A 42 -14.27 8.46 -1.71
N GLY A 43 -13.04 7.97 -1.90
CA GLY A 43 -12.54 6.83 -1.13
C GLY A 43 -12.43 7.14 0.37
N LEU A 44 -11.96 8.34 0.70
CA LEU A 44 -11.98 8.76 2.13
C LEU A 44 -13.40 8.76 2.71
N ASP A 45 -14.35 9.35 1.99
CA ASP A 45 -15.73 9.39 2.48
C ASP A 45 -16.29 7.97 2.73
N LEU A 46 -15.83 7.03 1.93
CA LEU A 46 -16.28 5.65 1.97
C LEU A 46 -15.47 4.75 2.92
N GLY A 47 -14.50 5.31 3.61
CA GLY A 47 -13.72 4.57 4.58
C GLY A 47 -12.42 3.96 4.07
N THR A 49 -9.37 4.86 4.15
CA THR A 49 -8.76 5.95 4.80
C THR A 49 -7.26 5.98 4.59
N LEU A 50 -6.62 4.84 4.26
CA LEU A 50 -5.17 4.87 3.99
C LEU A 50 -4.95 5.28 2.52
N ILE A 51 -4.08 6.28 2.35
CA ILE A 51 -3.65 6.78 1.03
C ILE A 51 -2.12 6.68 0.92
N ASP A 52 -1.69 5.98 -0.14
CA ASP A 52 -0.29 5.68 -0.38
C ASP A 52 0.28 6.59 -1.47
N THR A 53 1.37 7.28 -1.17
CA THR A 53 1.98 8.16 -2.15
C THR A 53 3.48 8.13 -1.99
N ALA A 54 4.20 8.99 -2.73
CA ALA A 54 5.66 8.99 -2.70
C ALA A 54 6.20 10.29 -3.27
N GLU A 55 7.41 10.61 -2.86
CA GLU A 55 8.09 11.80 -3.32
C GLU A 55 8.31 11.70 -4.81
N TYR A 57 6.42 10.22 -7.04
CA TYR A 57 5.23 10.22 -7.90
C TYR A 57 4.93 11.60 -8.45
N GLY A 58 5.32 11.82 -9.70
CA GLY A 58 5.22 13.12 -10.32
C GLY A 58 6.13 14.13 -9.64
N ASP A 59 7.23 13.67 -9.03
CA ASP A 59 8.12 14.55 -8.28
C ASP A 59 7.37 15.56 -7.40
N GLY A 60 6.46 15.06 -6.56
CA GLY A 60 5.76 15.88 -5.59
C GLY A 60 4.33 16.17 -5.95
N ALA A 61 3.98 15.90 -7.20
CA ALA A 61 2.66 16.26 -7.71
C ALA A 61 1.59 15.37 -7.12
N ALA A 62 1.86 14.06 -7.00
CA ALA A 62 0.89 13.18 -6.40
C ALA A 62 0.69 13.54 -4.93
N GLU A 63 1.78 13.84 -4.24
CA GLU A 63 1.68 14.36 -2.83
C GLU A 63 0.78 15.58 -2.72
N ARG A 64 0.92 16.52 -3.66
CA ARG A 64 0.07 17.69 -3.69
C ARG A 64 -1.39 17.35 -3.94
N ILE A 65 -1.65 16.35 -4.80
CA ILE A 65 -3.03 15.84 -4.99
C ILE A 65 -3.58 15.32 -3.65
N VAL A 66 -2.79 14.52 -2.96
CA VAL A 66 -3.19 13.97 -1.66
C VAL A 66 -3.50 15.13 -0.65
N GLY A 67 -2.66 16.17 -0.72
CA GLY A 67 -2.80 17.37 0.10
C GLY A 67 -4.12 18.09 -0.12
N GLU A 68 -4.51 18.23 -1.39
CA GLU A 68 -5.85 18.70 -1.72
C GLU A 68 -6.95 17.80 -1.18
N ALA A 69 -6.87 16.52 -1.43
CA ALA A 69 -7.94 15.61 -1.07
C ALA A 69 -8.20 15.53 0.42
N ILE A 70 -7.14 15.74 1.23
CA ILE A 70 -7.26 15.76 2.68
C ILE A 70 -7.45 17.16 3.26
N LYS A 71 -7.45 18.21 2.44
CA LYS A 71 -7.74 19.55 2.95
C LYS A 71 -9.07 19.49 3.71
N GLY A 72 -9.06 19.98 4.96
CA GLY A 72 -10.28 20.08 5.82
C GLY A 72 -10.64 18.80 6.58
N ARG A 73 -9.78 17.79 6.50
CA ARG A 73 -10.09 16.43 6.98
C ARG A 73 -8.83 15.55 7.19
N ARG A 74 -7.71 16.18 7.54
CA ARG A 74 -6.48 15.50 7.84
C ARG A 74 -6.68 14.32 8.80
N ASP A 75 -7.50 14.49 9.83
CA ASP A 75 -7.63 13.49 10.89
C ASP A 75 -8.40 12.27 10.41
N GLU A 76 -9.04 12.37 9.24
CA GLU A 76 -9.68 11.19 8.68
C GLU A 76 -8.72 10.30 7.89
N ALA A 77 -7.57 10.83 7.46
CA ALA A 77 -6.67 10.07 6.59
C ALA A 77 -5.44 9.50 7.32
N PHE A 78 -4.98 8.37 6.79
CA PHE A 78 -3.79 7.73 7.20
C PHE A 78 -2.86 7.91 6.01
N VAL A 79 -1.94 8.84 6.10
CA VAL A 79 -1.14 9.19 4.93
C VAL A 79 0.17 8.45 5.00
N VAL A 80 0.47 7.74 3.93
CA VAL A 80 1.71 7.02 3.75
C VAL A 80 2.50 7.71 2.63
N SER A 81 3.80 7.93 2.84
CA SER A 81 4.67 8.34 1.76
C SER A 81 5.97 7.63 1.85
N LYS A 82 6.88 8.00 0.96
CA LYS A 82 8.09 7.22 0.82
C LYS A 82 9.26 8.09 0.48
N VAL A 83 10.45 7.61 0.87
CA VAL A 83 11.72 8.23 0.42
C VAL A 83 12.46 7.35 -0.55
N LEU A 84 12.92 7.92 -1.67
CA LEU A 84 13.68 7.14 -2.63
C LEU A 84 14.98 6.73 -2.00
N PRO A 85 15.50 5.51 -2.36
CA PRO A 85 16.75 5.02 -1.74
C PRO A 85 17.98 5.85 -2.05
N SER A 86 18.02 6.51 -3.19
CA SER A 86 19.13 7.44 -3.45
C SER A 86 19.11 8.68 -2.52
N ASN A 87 18.01 8.90 -1.80
CA ASN A 87 17.95 10.00 -0.86
C ASN A 87 18.04 9.56 0.56
N ALA A 88 18.15 8.24 0.80
CA ALA A 88 17.87 7.67 2.12
C ALA A 88 19.14 7.62 3.03
N SER A 89 20.00 8.61 2.84
CA SER A 89 21.09 8.83 3.76
C SER A 89 20.55 9.50 5.06
N ARG A 90 21.40 9.62 6.02
CA ARG A 90 21.07 10.14 7.36
C ARG A 90 20.47 11.57 7.30
N ALA A 91 21.14 12.45 6.56
CA ALA A 91 20.61 13.77 6.33
C ALA A 91 19.66 13.87 5.12
N GLY A 92 19.88 13.04 4.10
CA GLY A 92 19.01 13.04 2.95
C GLY A 92 17.56 12.71 3.29
N THR A 93 17.37 11.73 4.16
CA THR A 93 16.03 11.27 4.52
C THR A 93 15.23 12.33 5.20
N VAL A 94 15.85 13.02 6.16
CA VAL A 94 15.24 14.17 6.81
C VAL A 94 14.86 15.26 5.80
N ALA A 95 15.81 15.63 4.96
CA ALA A 95 15.49 16.60 3.92
C ALA A 95 14.29 16.08 2.99
N ALA A 96 14.25 14.81 2.64
CA ALA A 96 13.17 14.30 1.79
C ALA A 96 11.82 14.33 2.50
N CYS A 97 11.84 13.97 3.78
CA CYS A 97 10.62 14.02 4.58
C CYS A 97 10.03 15.42 4.63
N GLU A 98 10.89 16.41 4.77
CA GLU A 98 10.45 17.81 4.86
C GLU A 98 9.77 18.26 3.55
N ARG A 99 10.36 17.89 2.41
CA ARG A 99 9.72 18.17 1.11
C ARG A 99 8.34 17.54 0.99
N SER A 100 8.23 16.27 1.39
CA SER A 100 6.95 15.57 1.35
C SER A 100 5.88 16.25 2.21
N LEU A 101 6.26 16.63 3.45
CA LEU A 101 5.36 17.33 4.33
C LEU A 101 4.91 18.69 3.76
N ARG A 102 5.83 19.45 3.16
CA ARG A 102 5.49 20.67 2.43
C ARG A 102 4.50 20.38 1.30
N ASN A 103 4.76 19.34 0.51
CA ASN A 103 3.85 19.03 -0.59
C ASN A 103 2.46 18.60 -0.15
N LEU A 104 2.42 17.78 0.91
CA LEU A 104 1.20 17.27 1.48
C LEU A 104 0.44 18.35 2.23
N GLY A 105 1.17 19.38 2.66
CA GLY A 105 0.63 20.49 3.44
C GLY A 105 0.25 20.06 4.85
N ILE A 106 1.03 19.17 5.45
CA ILE A 106 0.73 18.67 6.78
C ILE A 106 1.95 18.63 7.65
N ASP A 107 1.72 18.45 8.94
CA ASP A 107 2.78 18.46 9.96
C ASP A 107 3.47 17.12 10.14
N CYS A 108 2.73 16.04 9.91
CA CYS A 108 3.12 14.69 10.26
C CYS A 108 2.59 13.65 9.29
N VAL A 109 3.44 12.77 8.73
CA VAL A 109 2.91 11.60 7.97
C VAL A 109 2.65 10.44 8.92
N ASP A 110 1.66 9.61 8.61
CA ASP A 110 1.33 8.49 9.48
C ASP A 110 2.35 7.36 9.36
N LEU A 111 2.90 7.17 8.17
CA LEU A 111 3.78 6.06 7.86
C LEU A 111 4.71 6.50 6.75
N TYR A 112 6.01 6.26 6.93
CA TYR A 112 7.03 6.73 6.02
C TYR A 112 7.93 5.55 5.64
N LEU A 113 7.96 5.21 4.34
CA LEU A 113 8.67 4.02 3.85
C LEU A 113 9.91 4.31 3.05
N LEU A 114 10.91 3.46 3.26
CA LEU A 114 11.99 3.33 2.30
C LEU A 114 11.41 2.58 1.10
N HIS A 115 11.56 3.17 -0.07
CA HIS A 115 10.81 2.78 -1.27
C HIS A 115 11.31 1.46 -1.89
N TRP A 116 12.64 1.27 -1.86
CA TRP A 116 13.25 0.00 -2.13
C TRP A 116 14.66 0.05 -1.57
N ARG A 117 15.37 -1.07 -1.64
CA ARG A 117 16.69 -1.19 -1.05
C ARG A 117 17.78 -0.50 -1.90
N GLY A 118 18.58 0.39 -1.30
CA GLY A 118 19.67 1.07 -2.01
C GLY A 118 21.06 0.86 -1.40
N GLY A 119 21.98 1.74 -1.76
CA GLY A 119 23.37 1.61 -1.35
C GLY A 119 23.71 2.17 0.02
N TYR A 120 22.84 3.02 0.58
CA TYR A 120 23.06 3.55 1.96
C TYR A 120 22.76 2.48 2.99
N PRO A 121 23.64 2.38 3.98
CA PRO A 121 23.42 1.31 4.94
C PRO A 121 22.14 1.54 5.73
N LEU A 122 21.43 0.44 5.96
CA LEU A 122 20.14 0.49 6.61
C LEU A 122 20.14 1.27 7.93
N ALA A 123 21.17 1.10 8.74
CA ALA A 123 21.22 1.76 10.05
C ALA A 123 21.15 3.30 9.93
N GLU A 124 21.76 3.84 8.89
CA GLU A 124 21.69 5.27 8.57
C GLU A 124 20.21 5.73 8.38
N THR A 125 19.50 5.03 7.51
CA THR A 125 18.13 5.36 7.14
C THR A 125 17.20 5.20 8.31
N VAL A 126 17.32 4.11 9.03
CA VAL A 126 16.52 3.87 10.24
C VAL A 126 16.82 4.93 11.32
N ALA A 127 18.08 5.34 11.44
CA ALA A 127 18.42 6.39 12.36
C ALA A 127 17.68 7.67 12.04
N ALA A 128 17.61 8.01 10.76
CA ALA A 128 16.88 9.17 10.30
C ALA A 128 15.36 9.02 10.57
N PHE A 129 14.83 7.83 10.30
CA PHE A 129 13.42 7.54 10.61
C PHE A 129 13.08 7.72 12.09
N GLU A 130 13.95 7.21 12.98
CA GLU A 130 13.72 7.34 14.44
C GLU A 130 13.82 8.79 14.95
N GLU A 131 14.76 9.56 14.43
CA GLU A 131 14.82 11.00 14.74
C GLU A 131 13.54 11.74 14.24
N LEU A 132 13.03 11.38 13.05
CA LEU A 132 11.80 12.03 12.52
C LEU A 132 10.57 11.73 13.36
N LYS A 133 10.56 10.51 13.87
CA LYS A 133 9.53 10.04 14.75
C LYS A 133 9.58 10.83 16.06
N LYS A 134 10.76 10.98 16.60
CA LYS A 134 10.92 11.80 17.82
C LYS A 134 10.59 13.24 17.58
N ALA A 135 10.81 13.73 16.36
CA ALA A 135 10.53 15.11 16.04
C ALA A 135 9.05 15.39 15.78
N GLY A 136 8.22 14.36 15.85
CA GLY A 136 6.79 14.50 15.51
C GLY A 136 6.51 14.70 14.02
N LYS A 137 7.41 14.25 13.16
CA LYS A 137 7.31 14.46 11.69
C LYS A 137 6.83 13.22 10.93
N ILE A 138 7.15 12.05 11.47
CA ILE A 138 6.47 10.84 11.08
C ILE A 138 5.95 10.13 12.32
N ARG A 139 5.01 9.27 12.12
CA ARG A 139 4.40 8.61 13.26
C ARG A 139 4.94 7.17 13.34
N ALA A 140 5.48 6.68 12.23
CA ALA A 140 5.93 5.29 12.07
C ALA A 140 6.73 5.19 10.80
N TRP A 141 7.64 4.23 10.77
CA TRP A 141 8.36 3.92 9.54
C TRP A 141 8.21 2.44 9.15
N GLY A 142 8.39 2.18 7.86
CA GLY A 142 8.38 0.86 7.30
C GLY A 142 9.28 0.83 6.09
N VAL A 143 9.13 -0.25 5.29
CA VAL A 143 9.98 -0.48 4.15
C VAL A 143 9.11 -0.93 2.97
N SER A 144 9.70 -0.99 1.78
CA SER A 144 8.99 -1.48 0.56
C SER A 144 9.96 -2.24 -0.29
N ASN A 145 9.43 -3.24 -1.01
CA ASN A 145 10.22 -4.10 -1.89
C ASN A 145 11.36 -4.79 -1.16
N PHE A 146 11.10 -5.18 0.08
CA PHE A 146 12.05 -5.92 0.88
C PHE A 146 11.69 -7.39 0.81
N ASP A 147 12.65 -8.21 0.37
CA ASP A 147 12.45 -9.67 0.45
C ASP A 147 12.93 -10.14 1.82
N VAL A 148 12.92 -11.46 2.02
CA VAL A 148 13.25 -12.05 3.33
C VAL A 148 14.62 -11.67 3.87
N ASP A 149 15.63 -11.78 3.00
CA ASP A 149 17.00 -11.37 3.31
C ASP A 149 17.10 -9.91 3.75
N ASP A 150 16.33 -9.04 3.11
CA ASP A 150 16.30 -7.61 3.45
C ASP A 150 15.70 -7.38 4.84
N GLU A 152 15.65 -9.61 7.19
CA GLU A 152 16.60 -10.10 8.19
C GLU A 152 17.66 -9.08 8.59
N GLU A 153 18.19 -8.35 7.63
CA GLU A 153 19.13 -7.29 7.93
C GLU A 153 18.65 -6.25 8.93
N LEU A 154 17.35 -5.99 8.99
CA LEU A 154 16.81 -5.02 9.94
C LEU A 154 17.06 -5.40 11.37
N SER A 155 17.18 -6.70 11.67
CA SER A 155 17.48 -7.13 13.03
C SER A 155 18.89 -6.75 13.45
N ALA A 156 19.79 -6.58 12.48
CA ALA A 156 21.16 -6.13 12.82
C ALA A 156 21.22 -4.61 13.09
N VAL A 157 20.14 -3.91 12.77
CA VAL A 157 20.10 -2.48 12.91
C VAL A 157 19.43 -2.16 14.23
N PRO A 158 20.06 -1.29 15.02
CA PRO A 158 19.38 -0.98 16.27
C PRO A 158 18.14 -0.15 15.93
N ASP A 159 17.01 -0.51 16.55
CA ASP A 159 15.71 0.06 16.22
C ASP A 159 15.06 -0.56 14.98
N GLY A 160 15.74 -1.52 14.34
CA GLY A 160 15.21 -2.14 13.12
C GLY A 160 13.94 -2.93 13.35
N GLY A 161 13.83 -3.46 14.55
CA GLY A 161 12.62 -4.13 15.01
C GLY A 161 11.40 -3.22 15.10
N ASN A 162 11.55 -1.89 14.91
CA ASN A 162 10.40 -0.97 14.86
C ASN A 162 9.70 -0.93 13.47
N VAL A 163 10.22 -1.64 12.48
CA VAL A 163 9.59 -1.72 11.17
C VAL A 163 8.07 -1.91 11.29
N ALA A 164 7.29 -1.02 10.66
CA ALA A 164 5.83 -1.02 10.86
C ALA A 164 5.07 -1.67 9.69
N ALA A 165 5.72 -1.83 8.54
CA ALA A 165 5.05 -2.40 7.35
C ALA A 165 6.07 -2.73 6.27
N ASN A 166 5.70 -3.63 5.37
CA ASN A 166 6.46 -3.94 4.14
C ASN A 166 5.50 -3.90 2.97
N GLN A 167 5.76 -2.99 2.04
CA GLN A 167 4.91 -2.77 0.90
C GLN A 167 5.59 -3.47 -0.26
N VAL A 168 4.94 -4.52 -0.77
CA VAL A 168 5.46 -5.37 -1.84
C VAL A 168 4.35 -5.69 -2.86
N LEU A 169 4.79 -6.07 -4.04
CA LEU A 169 3.87 -6.48 -5.12
C LEU A 169 3.12 -7.73 -4.70
N TYR A 170 1.80 -7.64 -4.72
CA TYR A 170 0.96 -8.81 -4.48
C TYR A 170 -0.44 -8.69 -5.06
N ASN A 171 -0.80 -9.66 -5.89
CA ASN A 171 -2.12 -9.80 -6.52
C ASN A 171 -2.24 -11.23 -7.05
N LEU A 172 -3.36 -11.60 -7.70
CA LEU A 172 -3.56 -13.03 -8.15
C LEU A 172 -2.51 -13.55 -9.11
N ALA A 173 -1.95 -12.64 -9.91
CA ALA A 173 -0.91 -12.93 -10.89
C ALA A 173 0.53 -12.91 -10.36
N ARG A 174 0.71 -12.47 -9.13
CA ARG A 174 2.05 -12.34 -8.48
C ARG A 174 1.94 -12.76 -7.00
N ARG A 175 1.86 -14.06 -6.81
CA ARG A 175 1.59 -14.64 -5.52
C ARG A 175 2.85 -15.12 -4.84
N GLY A 176 4.01 -14.80 -5.42
CA GLY A 176 5.30 -15.31 -4.91
C GLY A 176 5.59 -15.14 -3.42
N ILE A 177 5.14 -14.04 -2.82
CA ILE A 177 5.46 -13.78 -1.42
C ILE A 177 4.75 -14.78 -0.49
N GLU A 178 3.80 -15.54 -1.03
CA GLU A 178 3.05 -16.49 -0.18
C GLU A 178 3.91 -17.60 0.35
N PHE A 179 5.01 -17.88 -0.35
CA PHE A 179 5.90 -18.96 0.06
C PHE A 179 6.69 -18.63 1.35
N ASP A 180 7.15 -17.38 1.49
CA ASP A 180 8.04 -17.06 2.57
C ASP A 180 7.80 -15.70 3.25
N LEU A 181 7.76 -14.65 2.45
CA LEU A 181 7.74 -13.33 2.96
C LEU A 181 6.42 -13.06 3.69
N LEU A 182 5.27 -13.34 3.10
CA LEU A 182 4.02 -13.08 3.80
C LEU A 182 3.91 -13.86 5.11
N PRO A 183 4.23 -15.16 5.11
CA PRO A 183 4.19 -15.85 6.39
C PRO A 183 5.11 -15.26 7.45
N ARG A 184 6.27 -14.76 7.04
CA ARG A 184 7.18 -14.15 8.00
C ARG A 184 6.60 -12.88 8.59
N CYS A 185 6.12 -12.01 7.72
CA CYS A 185 5.53 -10.75 8.14
C CYS A 185 4.30 -10.99 9.00
N ARG A 186 3.46 -11.97 8.68
CA ARG A 186 2.34 -12.31 9.58
C ARG A 186 2.81 -12.80 10.94
N ALA A 187 3.80 -13.69 10.97
CA ALA A 187 4.30 -14.18 12.25
C ALA A 187 4.90 -13.01 13.07
N GLN A 188 5.38 -12.00 12.37
CA GLN A 188 6.06 -10.91 12.99
C GLN A 188 5.12 -9.77 13.43
N GLY A 189 3.85 -9.81 12.99
CA GLY A 189 2.85 -8.78 13.28
C GLY A 189 2.95 -7.54 12.37
N VAL A 190 3.57 -7.70 11.21
CA VAL A 190 3.91 -6.59 10.32
C VAL A 190 3.01 -6.66 9.10
N PRO A 191 2.09 -5.68 8.94
CA PRO A 191 1.20 -5.63 7.77
C PRO A 191 1.96 -5.61 6.49
N VAL A 192 1.50 -6.43 5.54
CA VAL A 192 2.03 -6.35 4.21
C VAL A 192 1.07 -5.46 3.42
N ALA A 194 -0.12 -4.70 -0.06
CA ALA A 194 -0.08 -5.24 -1.41
C ALA A 194 -0.22 -4.13 -2.48
N TYR A 195 0.86 -3.80 -3.13
CA TYR A 195 0.79 -2.84 -4.18
C TYR A 195 0.41 -3.50 -5.52
N SER A 196 -0.02 -2.67 -6.46
CA SER A 196 -0.58 -3.12 -7.75
C SER A 196 -1.53 -4.29 -7.56
N PRO A 197 -2.61 -4.08 -6.78
CA PRO A 197 -3.47 -5.24 -6.48
C PRO A 197 -4.32 -5.70 -7.67
N LEU A 198 -4.39 -4.86 -8.71
CA LEU A 198 -5.04 -5.20 -9.98
C LEU A 198 -4.04 -5.51 -11.06
N ASP A 199 -2.80 -5.78 -10.66
CA ASP A 199 -1.66 -5.96 -11.56
C ASP A 199 -1.62 -4.89 -12.61
N GLU A 200 -1.82 -3.66 -12.15
CA GLU A 200 -1.82 -2.50 -12.97
C GLU A 200 -2.91 -2.53 -14.02
N GLY A 201 -3.97 -3.29 -13.76
CA GLY A 201 -5.07 -3.43 -14.72
C GLY A 201 -4.99 -4.68 -15.60
N ARG A 202 -3.82 -5.33 -15.65
CA ARG A 202 -3.61 -6.51 -16.48
C ARG A 202 -4.52 -7.64 -16.07
N LEU A 203 -4.80 -7.77 -14.78
CA LEU A 203 -5.76 -8.81 -14.31
C LEU A 203 -7.20 -8.67 -14.84
N LEU A 204 -7.55 -7.50 -15.31
CA LEU A 204 -8.92 -7.24 -15.61
C LEU A 204 -9.35 -7.89 -16.92
N HIS A 205 -8.41 -8.39 -17.72
CA HIS A 205 -8.65 -9.17 -18.94
C HIS A 205 -8.75 -10.67 -18.69
N ASP A 206 -8.47 -11.11 -17.48
CA ASP A 206 -8.49 -12.54 -17.17
C ASP A 206 -9.90 -13.13 -17.21
N ALA A 207 -10.06 -14.16 -18.03
CA ALA A 207 -11.31 -14.84 -18.26
C ALA A 207 -11.85 -15.54 -17.04
N ASP A 208 -11.00 -16.11 -16.21
CA ASP A 208 -11.54 -16.70 -14.99
C ASP A 208 -12.08 -15.66 -13.96
N LEU A 209 -11.50 -14.47 -13.96
CA LEU A 209 -11.91 -13.40 -13.06
C LEU A 209 -13.24 -12.82 -13.56
N ILE A 210 -13.33 -12.70 -14.88
CA ILE A 210 -14.58 -12.30 -15.53
C ILE A 210 -15.73 -13.26 -15.25
N HIS A 211 -15.48 -14.53 -15.47
CA HIS A 211 -16.46 -15.57 -15.16
C HIS A 211 -16.89 -15.50 -13.70
N ILE A 212 -15.94 -15.49 -12.78
CA ILE A 212 -16.30 -15.36 -11.37
C ILE A 212 -17.04 -14.04 -11.07
N ALA A 213 -16.56 -12.94 -11.66
CA ALA A 213 -17.28 -11.66 -11.56
C ALA A 213 -18.74 -11.84 -11.99
N LYS A 214 -18.93 -12.49 -13.15
CA LYS A 214 -20.27 -12.64 -13.68
C LYS A 214 -21.20 -13.36 -12.68
N ALA A 215 -20.73 -14.46 -12.10
CA ALA A 215 -21.53 -15.19 -11.12
C ALA A 215 -21.98 -14.34 -9.95
N HIS A 216 -21.15 -13.37 -9.55
CA HIS A 216 -21.42 -12.51 -8.40
C HIS A 216 -22.06 -11.19 -8.83
N GLN A 217 -22.37 -11.04 -10.11
CA GLN A 217 -22.79 -9.75 -10.67
C GLN A 217 -21.85 -8.61 -10.29
N ALA A 218 -20.56 -8.85 -10.35
CA ALA A 218 -19.57 -7.88 -9.94
C ALA A 218 -18.64 -7.63 -11.11
N THR A 219 -17.58 -6.89 -10.89
CA THR A 219 -16.57 -6.70 -11.91
C THR A 219 -15.31 -7.48 -11.55
N PRO A 220 -14.49 -7.82 -12.57
CA PRO A 220 -13.19 -8.49 -12.38
C PRO A 220 -12.30 -7.76 -11.34
N ALA A 221 -12.26 -6.43 -11.39
CA ALA A 221 -11.51 -5.66 -10.39
C ALA A 221 -12.02 -5.93 -8.99
N GLN A 222 -13.34 -5.95 -8.83
CA GLN A 222 -13.95 -6.22 -7.53
C GLN A 222 -13.61 -7.61 -7.04
N VAL A 223 -13.49 -8.55 -7.94
CA VAL A 223 -13.12 -9.90 -7.54
C VAL A 223 -11.65 -9.96 -7.10
N ALA A 224 -10.77 -9.24 -7.80
CA ALA A 224 -9.36 -9.26 -7.48
C ALA A 224 -9.13 -8.68 -6.08
N LEU A 225 -9.96 -7.69 -5.72
CA LEU A 225 -9.86 -7.04 -4.41
C LEU A 225 -10.53 -7.91 -3.37
N ALA A 226 -11.66 -8.53 -3.71
CA ALA A 226 -12.32 -9.47 -2.78
C ALA A 226 -11.38 -10.62 -2.34
N PHE A 227 -10.59 -11.13 -3.26
CA PHE A 227 -9.57 -12.15 -2.93
C PHE A 227 -8.62 -11.64 -1.85
N LEU A 228 -8.08 -10.46 -2.07
CA LEU A 228 -7.06 -9.90 -1.20
C LEU A 228 -7.63 -9.52 0.18
N LYS A 229 -8.91 -9.21 0.24
CA LYS A 229 -9.69 -9.01 1.46
C LYS A 229 -9.73 -10.27 2.33
N THR A 230 -9.64 -11.43 1.69
CA THR A 230 -9.66 -12.73 2.34
C THR A 230 -8.34 -13.04 3.00
N CYS A 231 -7.31 -12.34 2.56
CA CYS A 231 -5.96 -12.53 3.06
C CYS A 231 -5.77 -11.68 4.30
N SER A 232 -5.67 -12.33 5.44
CA SER A 232 -5.33 -11.59 6.64
C SER A 232 -3.89 -11.04 6.58
N GLY A 233 -3.68 -9.96 7.30
CA GLY A 233 -2.39 -9.29 7.33
C GLY A 233 -2.02 -8.47 6.11
N VAL A 234 -3.01 -8.22 5.25
CA VAL A 234 -2.78 -7.55 4.00
C VAL A 234 -3.67 -6.32 3.85
N ILE A 235 -3.06 -5.23 3.39
CA ILE A 235 -3.78 -3.97 3.05
C ILE A 235 -3.59 -3.79 1.57
N SER A 236 -4.67 -3.65 0.79
CA SER A 236 -4.51 -3.50 -0.67
C SER A 236 -4.71 -2.04 -0.98
N ILE A 237 -3.94 -1.49 -1.93
CA ILE A 237 -3.97 -0.06 -2.30
C ILE A 237 -4.20 0.16 -3.82
N PRO A 238 -5.42 -0.17 -4.29
CA PRO A 238 -5.70 0.07 -5.71
C PRO A 238 -5.74 1.54 -6.05
N LYS A 239 -5.31 1.90 -7.24
CA LYS A 239 -5.34 3.27 -7.69
C LYS A 239 -6.35 3.47 -8.81
N THR A 240 -7.11 4.54 -8.69
CA THR A 240 -7.96 5.02 -9.78
C THR A 240 -8.13 6.54 -9.79
N GLY A 241 -8.04 7.09 -11.00
CA GLY A 241 -8.32 8.49 -11.27
C GLY A 241 -9.81 8.82 -11.36
N SER A 242 -10.65 7.82 -11.11
CA SER A 242 -12.09 7.92 -11.38
C SER A 242 -12.92 7.74 -10.12
N PRO A 243 -13.68 8.77 -9.75
CA PRO A 243 -14.58 8.62 -8.58
C PRO A 243 -15.61 7.48 -8.69
N GLU A 244 -16.07 7.18 -9.91
CA GLU A 244 -16.97 6.02 -10.11
C GLU A 244 -16.23 4.72 -9.81
N ARG A 245 -14.99 4.60 -10.26
CA ARG A 245 -14.21 3.41 -9.92
C ARG A 245 -13.86 3.27 -8.43
N ALA A 246 -13.64 4.38 -7.75
CA ALA A 246 -13.39 4.36 -6.32
C ALA A 246 -14.55 3.75 -5.57
N ARG A 247 -15.77 4.14 -5.96
CA ARG A 247 -16.99 3.57 -5.39
C ARG A 247 -17.09 2.08 -5.69
N GLU A 248 -16.82 1.70 -6.94
CA GLU A 248 -16.77 0.29 -7.34
C GLU A 248 -15.77 -0.51 -6.49
N ASN A 249 -14.59 0.05 -6.29
CA ASN A 249 -13.55 -0.65 -5.53
C ASN A 249 -13.96 -0.85 -4.09
N ARG A 250 -14.66 0.15 -3.54
CA ARG A 250 -15.15 0.07 -2.18
C ARG A 250 -16.14 -1.09 -2.07
N ASP A 251 -16.99 -1.22 -3.07
CA ASP A 251 -18.03 -2.25 -3.04
C ASP A 251 -17.55 -3.69 -3.31
N ALA A 252 -16.29 -3.85 -3.71
CA ALA A 252 -15.61 -5.15 -3.73
C ALA A 252 -15.72 -5.86 -2.36
N ASP A 254 -18.30 -6.08 -0.53
CA ASP A 254 -19.57 -6.77 -0.36
C ASP A 254 -19.61 -8.16 -1.01
N ILE A 255 -18.53 -8.56 -1.67
CA ILE A 255 -18.47 -9.86 -2.29
C ILE A 255 -17.96 -10.85 -1.25
N HIS A 256 -18.69 -11.95 -1.10
CA HIS A 256 -18.23 -13.09 -0.34
C HIS A 256 -17.92 -14.24 -1.31
N LEU A 257 -16.63 -14.45 -1.49
CA LEU A 257 -16.11 -15.49 -2.34
C LEU A 257 -16.42 -16.79 -1.64
N THR A 258 -16.89 -17.76 -2.41
CA THR A 258 -17.17 -19.06 -1.86
C THR A 258 -15.93 -19.92 -1.83
N THR A 259 -16.02 -20.98 -1.05
CA THR A 259 -14.93 -21.94 -0.99
C THR A 259 -14.55 -22.44 -2.39
N GLU A 260 -15.57 -22.66 -3.23
CA GLU A 260 -15.35 -23.08 -4.63
C GLU A 260 -14.73 -21.98 -5.51
N ASN A 261 -15.02 -20.70 -5.24
CA ASN A 261 -14.37 -19.61 -6.00
C ASN A 261 -12.92 -19.59 -5.69
N LEU A 262 -12.59 -19.90 -4.44
CA LEU A 262 -11.21 -19.84 -3.98
C LEU A 262 -10.38 -20.98 -4.51
N ALA A 263 -10.91 -22.18 -4.49
CA ALA A 263 -10.29 -23.32 -5.18
C ALA A 263 -10.00 -23.06 -6.67
N GLU A 264 -10.96 -22.45 -7.34
CA GLU A 264 -10.85 -22.17 -8.78
C GLU A 264 -9.79 -21.14 -9.09
N LEU A 265 -9.73 -20.10 -8.27
CA LEU A 265 -8.66 -19.10 -8.35
C LEU A 265 -7.29 -19.70 -8.10
N ASP A 266 -7.21 -20.62 -7.13
CA ASP A 266 -5.97 -21.32 -6.87
C ASP A 266 -5.55 -22.20 -8.05
N ARG A 267 -6.52 -22.84 -8.69
CA ARG A 267 -6.23 -23.60 -9.88
C ARG A 267 -5.79 -22.71 -11.02
N HIS A 268 -6.49 -21.61 -11.24
CA HIS A 268 -6.16 -20.68 -12.33
C HIS A 268 -4.95 -19.79 -12.03
N PHE A 269 -4.78 -19.36 -10.78
CA PHE A 269 -3.62 -18.58 -10.42
C PHE A 269 -2.89 -19.32 -9.30
N PRO A 270 -2.04 -20.33 -9.68
CA PRO A 270 -1.39 -21.22 -8.72
C PRO A 270 -0.47 -20.52 -7.71
N PRO A 271 -0.59 -20.91 -6.45
CA PRO A 271 0.38 -20.41 -5.49
C PRO A 271 1.81 -20.95 -5.73
N PRO A 272 2.86 -20.19 -5.31
CA PRO A 272 4.22 -20.75 -5.44
C PRO A 272 4.39 -22.06 -4.63
N ARG A 273 5.11 -22.99 -5.19
CA ARG A 273 5.43 -24.23 -4.51
C ARG A 273 6.90 -24.24 -4.12
N ARG A 274 7.65 -23.22 -4.53
CA ARG A 274 9.04 -23.04 -4.09
C ARG A 274 9.31 -21.55 -3.90
N LYS A 275 10.50 -21.21 -3.40
CA LYS A 275 10.86 -19.83 -3.17
C LYS A 275 10.97 -19.15 -4.52
N THR A 276 10.33 -17.98 -4.63
CA THR A 276 10.37 -17.16 -5.83
C THR A 276 11.06 -15.84 -5.57
N ARG A 277 11.95 -15.46 -6.49
CA ARG A 277 12.54 -14.11 -6.51
C ARG A 277 11.47 -13.03 -6.37
N LEU A 278 11.72 -12.02 -5.53
CA LEU A 278 10.73 -10.99 -5.30
C LEU A 278 10.48 -10.21 -6.58
N GLU A 279 9.22 -10.19 -7.02
CA GLU A 279 8.83 -9.37 -8.15
C GLU A 279 8.64 -7.90 -7.68
N VAL A 280 9.23 -7.00 -8.45
CA VAL A 280 9.20 -5.57 -8.19
C VAL A 280 8.75 -4.79 -9.43
N ILE A 281 7.89 -3.78 -9.24
CA ILE A 281 7.60 -2.75 -10.28
C ILE A 281 8.08 -1.36 -9.84
#